data_3EM0
#
_entry.id   3EM0
#
_cell.length_a   96.285
_cell.length_b   85.285
_cell.length_c   75.055
_cell.angle_alpha   90.00
_cell.angle_beta   127.65
_cell.angle_gamma   90.00
#
_symmetry.space_group_name_H-M   'C 1 2 1'
#
loop_
_entity.id
_entity.type
_entity.pdbx_description
1 polymer 'Ileal Bile Acid-Binding Protein'
2 non-polymer 'CHOLIC ACID'
3 water water
#
_entity_poly.entity_id   1
_entity_poly.type   'polypeptide(L)'
_entity_poly.pdbx_seq_one_letter_code
;MRGSAFNGKWETESQEGYEPFCKLIGIPDDVIAKGRDFKLVTEIVQNGDDFTWTQYYPNNHVVTNKFIVGKESDMETVGG
KKFKGIVSMEGGKLTISFPKYQQTTEISGGKLVETSTASGAQGTAVLVRTSKKVLVPR
;
_entity_poly.pdbx_strand_id   A,B
#
loop_
_chem_comp.id
_chem_comp.type
_chem_comp.name
_chem_comp.formula
CHD non-polymer 'CHOLIC ACID' 'C24 H40 O5'
#
# COMPACT_ATOMS: atom_id res chain seq x y z
N SER A 4 16.00 -6.40 -2.49
CA SER A 4 17.08 -6.68 -1.50
C SER A 4 17.47 -5.47 -0.61
N ALA A 5 16.77 -4.35 -0.76
CA ALA A 5 17.11 -3.08 -0.08
C ALA A 5 17.09 -3.12 1.46
N PHE A 6 16.07 -3.77 2.03
CA PHE A 6 15.89 -3.86 3.49
C PHE A 6 16.75 -4.93 4.18
N ASN A 7 17.34 -5.82 3.38
CA ASN A 7 18.14 -6.94 3.89
C ASN A 7 19.23 -6.56 4.87
N GLY A 8 19.32 -7.29 5.97
CA GLY A 8 20.43 -7.16 6.89
C GLY A 8 20.01 -6.90 8.31
N LYS A 9 20.98 -6.51 9.12
CA LYS A 9 20.80 -6.25 10.54
C LYS A 9 20.90 -4.75 10.75
N TRP A 10 20.00 -4.19 11.55
CA TRP A 10 19.92 -2.74 11.77
C TRP A 10 19.82 -2.42 13.25
N GLU A 11 20.37 -1.29 13.67
CA GLU A 11 20.36 -0.92 15.07
C GLU A 11 19.87 0.51 15.28
N THR A 12 18.90 0.68 16.17
CA THR A 12 18.32 1.98 16.47
C THR A 12 19.38 3.02 16.88
N GLU A 13 19.41 4.16 16.18
CA GLU A 13 20.31 5.26 16.54
C GLU A 13 19.56 6.51 17.06
N SER A 14 18.32 6.70 16.63
CA SER A 14 17.52 7.83 17.09
C SER A 14 16.05 7.48 17.08
N GLN A 15 15.32 8.09 18.00
CA GLN A 15 13.88 7.88 18.15
C GLN A 15 13.23 9.23 18.43
N GLU A 16 12.90 9.95 17.36
CA GLU A 16 12.28 11.27 17.49
C GLU A 16 10.79 11.16 17.78
N GLY A 17 10.32 11.85 18.82
CA GLY A 17 8.92 11.79 19.24
C GLY A 17 8.64 10.64 20.20
N TYR A 18 9.70 10.06 20.75
CA TYR A 18 9.62 8.84 21.51
C TYR A 18 8.75 8.94 22.76
N GLU A 19 8.96 9.99 23.54
CA GLU A 19 8.25 10.12 24.81
C GLU A 19 6.76 10.54 24.68
N PRO A 20 6.45 11.54 23.82
CA PRO A 20 5.03 11.83 23.53
C PRO A 20 4.27 10.65 22.91
N PHE A 21 4.96 9.87 22.06
CA PHE A 21 4.36 8.68 21.43
C PHE A 21 4.02 7.63 22.48
N CYS A 22 5.00 7.26 23.31
CA CYS A 22 4.80 6.36 24.44
C CYS A 22 3.75 6.85 25.45
N LYS A 23 3.78 8.14 25.75
CA LYS A 23 2.81 8.73 26.67
C LYS A 23 1.39 8.62 26.12
N LEU A 24 1.22 8.87 24.83
CA LEU A 24 -0.08 8.79 24.16
C LEU A 24 -0.73 7.41 24.28
N ILE A 25 0.10 6.37 24.18
CA ILE A 25 -0.39 4.99 24.14
C ILE A 25 -0.36 4.29 25.50
N GLY A 26 -0.26 5.10 26.57
CA GLY A 26 -0.46 4.60 27.93
C GLY A 26 0.76 4.19 28.74
N ILE A 27 1.94 4.10 28.10
CA ILE A 27 3.18 3.74 28.79
C ILE A 27 3.45 4.70 29.98
N PRO A 28 3.58 4.15 31.22
CA PRO A 28 3.91 4.96 32.40
C PRO A 28 5.26 5.69 32.29
N ASP A 29 5.30 6.91 32.82
CA ASP A 29 6.43 7.83 32.66
C ASP A 29 7.79 7.34 33.16
N ASP A 30 7.78 6.58 34.26
CA ASP A 30 9.02 6.00 34.80
C ASP A 30 9.69 5.03 33.82
N VAL A 31 8.88 4.22 33.14
CA VAL A 31 9.41 3.25 32.18
C VAL A 31 9.80 3.91 30.84
N ILE A 32 9.13 5.02 30.49
CA ILE A 32 9.56 5.85 29.34
C ILE A 32 11.00 6.31 29.55
N ALA A 33 11.28 6.87 30.73
CA ALA A 33 12.62 7.38 31.08
C ALA A 33 13.68 6.30 31.08
N LYS A 34 13.30 5.08 31.45
CA LYS A 34 14.21 3.94 31.38
C LYS A 34 14.34 3.44 29.95
N GLY A 35 13.23 3.48 29.22
CA GLY A 35 13.15 2.94 27.87
C GLY A 35 13.83 3.72 26.76
N ARG A 36 14.16 4.99 27.02
CA ARG A 36 14.77 5.84 26.00
C ARG A 36 16.16 5.37 25.50
N ASP A 37 16.96 4.82 26.41
CA ASP A 37 18.28 4.29 26.06
C ASP A 37 18.28 2.85 25.48
N PHE A 38 17.12 2.21 25.41
CA PHE A 38 17.03 0.92 24.73
C PHE A 38 17.11 1.09 23.21
N LYS A 39 18.09 0.42 22.60
CA LYS A 39 18.31 0.49 21.15
C LYS A 39 17.99 -0.85 20.47
N LEU A 40 16.80 -0.93 19.88
CA LEU A 40 16.31 -2.15 19.23
C LEU A 40 17.14 -2.56 18.01
N VAL A 41 17.52 -3.83 17.96
CA VAL A 41 18.12 -4.45 16.79
C VAL A 41 17.04 -5.16 15.95
N THR A 42 17.04 -4.89 14.65
CA THR A 42 16.09 -5.49 13.68
C THR A 42 16.87 -6.30 12.64
N GLU A 43 16.42 -7.52 12.39
CA GLU A 43 16.99 -8.33 11.33
C GLU A 43 15.96 -8.64 10.24
N ILE A 44 16.31 -8.30 9.01
CA ILE A 44 15.39 -8.45 7.92
C ILE A 44 15.94 -9.40 6.86
N VAL A 45 15.14 -10.40 6.49
CA VAL A 45 15.40 -11.19 5.30
C VAL A 45 14.35 -10.81 4.27
N GLN A 46 14.80 -10.15 3.21
CA GLN A 46 13.92 -9.78 2.11
C GLN A 46 14.32 -10.51 0.84
N ASN A 47 13.39 -11.29 0.30
CA ASN A 47 13.58 -11.98 -0.96
C ASN A 47 12.48 -11.44 -1.89
N GLY A 48 12.77 -10.32 -2.55
CA GLY A 48 11.79 -9.60 -3.34
C GLY A 48 10.64 -9.04 -2.50
N ASP A 49 9.44 -9.57 -2.74
CA ASP A 49 8.21 -9.19 -2.00
C ASP A 49 7.98 -10.00 -0.72
N ASP A 50 8.86 -10.97 -0.47
CA ASP A 50 8.78 -11.82 0.72
C ASP A 50 9.71 -11.34 1.83
N PHE A 51 9.14 -11.05 3.00
CA PHE A 51 9.90 -10.47 4.12
C PHE A 51 9.78 -11.31 5.39
N THR A 52 10.90 -11.43 6.09
CA THR A 52 10.93 -11.92 7.47
C THR A 52 11.57 -10.80 8.30
N TRP A 53 10.79 -10.27 9.22
CA TRP A 53 11.16 -9.09 9.99
C TRP A 53 11.30 -9.53 11.45
N THR A 54 12.51 -9.47 11.96
CA THR A 54 12.80 -9.95 13.33
C THR A 54 13.27 -8.80 14.20
N GLN A 55 12.61 -8.64 15.35
CA GLN A 55 13.00 -7.62 16.31
C GLN A 55 13.46 -8.26 17.62
N TYR A 56 14.61 -7.81 18.11
CA TYR A 56 15.23 -8.36 19.31
C TYR A 56 14.94 -7.51 20.53
N TYR A 57 13.83 -7.81 21.20
CA TYR A 57 13.44 -7.15 22.43
C TYR A 57 14.23 -7.71 23.61
N PRO A 58 14.22 -7.00 24.76
CA PRO A 58 14.94 -7.44 25.96
C PRO A 58 14.54 -8.84 26.43
N ASN A 59 15.47 -9.52 27.10
CA ASN A 59 15.22 -10.82 27.72
C ASN A 59 14.91 -11.94 26.72
N ASN A 60 15.64 -11.94 25.61
CA ASN A 60 15.48 -12.91 24.50
C ASN A 60 14.03 -13.02 23.97
N HIS A 61 13.35 -11.89 23.95
CA HIS A 61 12.00 -11.79 23.40
C HIS A 61 12.08 -11.45 21.92
N VAL A 62 12.25 -12.48 21.10
CA VAL A 62 12.40 -12.31 19.65
C VAL A 62 11.02 -12.32 18.99
N VAL A 63 10.71 -11.23 18.29
CA VAL A 63 9.42 -11.08 17.61
C VAL A 63 9.64 -11.15 16.09
N THR A 64 9.21 -12.25 15.49
CA THR A 64 9.35 -12.46 14.06
C THR A 64 8.01 -12.31 13.37
N ASN A 65 7.98 -11.43 12.38
CA ASN A 65 6.84 -11.23 11.49
C ASN A 65 7.20 -11.60 10.05
N LYS A 66 6.39 -12.45 9.44
CA LYS A 66 6.57 -12.79 8.03
C LYS A 66 5.38 -12.25 7.22
N PHE A 67 5.69 -11.62 6.09
CA PHE A 67 4.63 -11.09 5.23
C PHE A 67 5.03 -11.12 3.76
N ILE A 68 4.00 -11.09 2.90
CA ILE A 68 4.19 -10.89 1.49
C ILE A 68 3.52 -9.56 1.16
N VAL A 69 4.25 -8.71 0.44
CA VAL A 69 3.81 -7.37 0.08
C VAL A 69 2.50 -7.43 -0.71
N GLY A 70 1.52 -6.63 -0.29
CA GLY A 70 0.23 -6.53 -0.97
C GLY A 70 -0.71 -7.69 -0.72
N LYS A 71 -0.35 -8.59 0.20
CA LYS A 71 -1.13 -9.78 0.49
C LYS A 71 -1.38 -9.88 1.98
N GLU A 72 -2.63 -10.10 2.36
CA GLU A 72 -2.99 -10.21 3.77
C GLU A 72 -2.13 -11.27 4.46
N SER A 73 -1.54 -10.88 5.58
CA SER A 73 -0.62 -11.74 6.29
C SER A 73 -0.91 -11.77 7.79
N ASP A 74 -0.65 -12.93 8.38
CA ASP A 74 -0.72 -13.11 9.82
C ASP A 74 0.45 -12.44 10.49
N MET A 75 0.16 -11.54 11.42
CA MET A 75 1.20 -10.76 12.11
C MET A 75 1.02 -10.85 13.63
N GLU A 76 2.01 -10.37 14.38
CA GLU A 76 2.01 -10.49 15.85
C GLU A 76 2.70 -9.29 16.49
N THR A 77 2.10 -8.79 17.57
CA THR A 77 2.64 -7.63 18.27
C THR A 77 3.71 -8.02 19.29
N VAL A 78 4.36 -7.02 19.87
CA VAL A 78 5.34 -7.21 20.96
C VAL A 78 4.70 -7.87 22.19
N GLY A 79 3.39 -7.64 22.38
CA GLY A 79 2.63 -8.27 23.44
C GLY A 79 2.07 -9.65 23.10
N GLY A 80 2.29 -10.09 21.86
CA GLY A 80 1.80 -11.41 21.44
C GLY A 80 0.43 -11.45 20.76
N LYS A 81 -0.21 -10.29 20.61
CA LYS A 81 -1.52 -10.21 19.94
C LYS A 81 -1.40 -10.60 18.47
N LYS A 82 -2.16 -11.61 18.05
CA LYS A 82 -2.22 -12.00 16.64
C LYS A 82 -3.24 -11.13 15.90
N PHE A 83 -2.86 -10.69 14.70
CA PHE A 83 -3.75 -9.93 13.81
C PHE A 83 -3.36 -10.12 12.35
N LYS A 84 -4.30 -9.81 11.46
CA LYS A 84 -4.07 -9.92 10.02
C LYS A 84 -3.88 -8.53 9.44
N GLY A 85 -2.90 -8.39 8.54
CA GLY A 85 -2.60 -7.08 7.96
C GLY A 85 -2.06 -7.14 6.55
N ILE A 86 -2.04 -5.98 5.90
CA ILE A 86 -1.52 -5.85 4.53
C ILE A 86 -0.46 -4.76 4.50
N VAL A 87 0.76 -5.17 4.15
CA VAL A 87 1.85 -4.26 3.95
C VAL A 87 2.00 -4.01 2.46
N SER A 88 1.74 -2.76 2.05
CA SER A 88 1.93 -2.37 0.67
C SER A 88 3.32 -1.78 0.51
N MET A 89 3.82 -1.76 -0.72
CA MET A 89 5.04 -1.03 -1.04
C MET A 89 4.79 0.04 -2.08
N GLU A 90 5.07 1.28 -1.70
CA GLU A 90 4.79 2.43 -2.54
C GLU A 90 6.09 3.23 -2.74
N GLY A 91 6.66 3.12 -3.93
CA GLY A 91 7.99 3.68 -4.21
C GLY A 91 9.06 3.26 -3.20
N GLY A 92 9.15 1.96 -2.91
CA GLY A 92 10.16 1.43 -2.00
C GLY A 92 9.83 1.57 -0.52
N LYS A 93 8.71 2.23 -0.23
CA LYS A 93 8.24 2.42 1.14
C LYS A 93 7.17 1.41 1.52
N LEU A 94 7.47 0.63 2.55
CA LEU A 94 6.57 -0.33 3.13
C LEU A 94 5.57 0.42 3.98
N THR A 95 4.28 0.09 3.85
CA THR A 95 3.27 0.85 4.51
C THR A 95 2.10 -0.02 4.97
N ILE A 96 1.62 0.25 6.17
CA ILE A 96 0.43 -0.40 6.71
C ILE A 96 -0.48 0.64 7.36
N SER A 97 -1.79 0.44 7.26
CA SER A 97 -2.70 1.45 7.75
C SER A 97 -3.90 0.82 8.42
N PHE A 98 -4.18 1.31 9.61
CA PHE A 98 -5.40 0.99 10.38
C PHE A 98 -6.08 2.31 10.73
N PRO A 99 -7.35 2.25 11.17
CA PRO A 99 -8.02 3.51 11.57
C PRO A 99 -7.32 4.29 12.69
N LYS A 100 -6.65 3.61 13.61
CA LYS A 100 -5.93 4.28 14.71
C LYS A 100 -4.39 4.13 14.65
N TYR A 101 -3.88 3.51 13.60
CA TYR A 101 -2.45 3.25 13.49
C TYR A 101 -1.96 3.22 12.04
N GLN A 102 -0.85 3.91 11.79
CA GLN A 102 -0.21 3.90 10.48
C GLN A 102 1.30 3.81 10.65
N GLN A 103 1.94 3.05 9.77
CA GLN A 103 3.40 2.99 9.72
C GLN A 103 3.94 2.98 8.29
N THR A 104 5.02 3.73 8.10
CA THR A 104 5.77 3.76 6.86
C THR A 104 7.24 3.46 7.18
N THR A 105 7.78 2.44 6.51
CA THR A 105 9.17 2.04 6.68
C THR A 105 9.89 2.15 5.34
N GLU A 106 11.06 2.77 5.35
CA GLU A 106 11.82 2.98 4.14
C GLU A 106 13.33 2.95 4.41
N ILE A 107 14.09 2.76 3.35
CA ILE A 107 15.53 2.99 3.36
C ILE A 107 15.82 4.40 2.85
N SER A 108 16.46 5.20 3.70
CA SER A 108 16.74 6.58 3.36
C SER A 108 18.14 6.93 3.83
N GLY A 109 18.98 7.38 2.91
CA GLY A 109 20.40 7.60 3.20
C GLY A 109 21.09 6.37 3.80
N GLY A 110 20.71 5.19 3.33
CA GLY A 110 21.31 3.94 3.77
C GLY A 110 20.86 3.51 5.15
N LYS A 111 19.83 4.18 5.66
CA LYS A 111 19.30 3.95 7.01
C LYS A 111 17.87 3.46 6.95
N LEU A 112 17.52 2.62 7.91
CA LEU A 112 16.16 2.13 8.10
C LEU A 112 15.38 3.14 8.92
N VAL A 113 14.39 3.76 8.28
CA VAL A 113 13.59 4.83 8.88
C VAL A 113 12.14 4.37 8.98
N GLU A 114 11.63 4.36 10.22
CA GLU A 114 10.29 3.87 10.54
C GLU A 114 9.45 5.02 11.15
N THR A 115 8.42 5.42 10.44
CA THR A 115 7.54 6.51 10.86
C THR A 115 6.13 5.98 11.19
N SER A 116 5.77 5.99 12.46
CA SER A 116 4.46 5.58 12.93
C SER A 116 3.63 6.70 13.53
N THR A 117 2.33 6.58 13.30
CA THR A 117 1.34 7.49 13.81
C THR A 117 0.30 6.65 14.54
N ALA A 118 -0.05 7.09 15.74
CA ALA A 118 -1.08 6.44 16.55
C ALA A 118 -2.09 7.46 17.06
N SER A 119 -3.36 7.04 17.15
CA SER A 119 -4.43 7.77 17.81
C SER A 119 -4.54 7.34 19.26
N GLY A 120 -4.71 8.32 20.15
CA GLY A 120 -5.05 8.08 21.55
C GLY A 120 -6.20 9.00 21.91
N ALA A 121 -6.45 9.15 23.21
CA ALA A 121 -7.52 10.03 23.69
C ALA A 121 -7.14 11.52 23.65
N GLN A 122 -5.84 11.80 23.71
CA GLN A 122 -5.31 13.17 23.63
C GLN A 122 -5.35 13.72 22.21
N GLY A 123 -5.09 12.86 21.24
CA GLY A 123 -5.07 13.18 19.82
C GLY A 123 -4.26 12.11 19.09
N THR A 124 -3.22 12.54 18.35
CA THR A 124 -2.30 11.60 17.69
C THR A 124 -0.87 11.93 18.08
N ALA A 125 0.02 10.96 17.91
CA ALA A 125 1.45 11.16 18.09
C ALA A 125 2.22 10.44 16.99
N VAL A 126 3.37 11.01 16.65
CA VAL A 126 4.23 10.50 15.60
C VAL A 126 5.60 10.13 16.17
N LEU A 127 6.06 8.93 15.82
CA LEU A 127 7.39 8.48 16.16
C LEU A 127 8.20 8.27 14.89
N VAL A 128 9.40 8.84 14.85
CA VAL A 128 10.34 8.55 13.76
C VAL A 128 11.55 7.80 14.33
N ARG A 129 11.65 6.51 14.00
CA ARG A 129 12.81 5.70 14.37
C ARG A 129 13.76 5.54 13.19
N THR A 130 15.04 5.77 13.45
CA THR A 130 16.09 5.64 12.46
C THR A 130 17.08 4.61 12.96
N SER A 131 17.33 3.58 12.15
CA SER A 131 18.35 2.57 12.47
C SER A 131 19.50 2.57 11.48
N LYS A 132 20.71 2.38 11.98
CA LYS A 132 21.89 2.23 11.13
C LYS A 132 22.18 0.75 10.83
N LYS A 133 22.74 0.49 9.66
CA LYS A 133 23.21 -0.84 9.29
C LYS A 133 24.33 -1.27 10.25
N VAL A 134 24.25 -2.48 10.82
CA VAL A 134 25.37 -3.00 11.62
C VAL A 134 26.35 -3.78 10.71
N SER B 4 -13.69 17.26 -5.90
CA SER B 4 -12.56 16.38 -6.33
C SER B 4 -12.48 15.08 -5.52
N ALA B 5 -13.41 14.18 -5.83
CA ALA B 5 -13.71 13.01 -4.99
C ALA B 5 -12.74 11.83 -5.19
N PHE B 6 -11.98 11.85 -6.28
CA PHE B 6 -11.04 10.77 -6.60
C PHE B 6 -9.68 10.89 -5.91
N ASN B 7 -9.42 12.07 -5.33
CA ASN B 7 -8.12 12.37 -4.77
C ASN B 7 -7.73 11.51 -3.58
N GLY B 8 -6.52 10.97 -3.64
CA GLY B 8 -5.95 10.23 -2.50
C GLY B 8 -5.54 8.82 -2.81
N LYS B 9 -5.32 8.06 -1.73
CA LYS B 9 -4.84 6.69 -1.79
C LYS B 9 -5.98 5.72 -1.49
N TRP B 10 -6.03 4.63 -2.26
CA TRP B 10 -7.14 3.67 -2.22
C TRP B 10 -6.60 2.27 -2.21
N GLU B 11 -7.13 1.44 -1.32
CA GLU B 11 -6.69 0.05 -1.18
C GLU B 11 -7.77 -0.93 -1.65
N THR B 12 -7.39 -1.80 -2.58
CA THR B 12 -8.28 -2.86 -3.11
C THR B 12 -8.87 -3.73 -2.01
N GLU B 13 -10.18 -3.91 -2.11
CA GLU B 13 -11.00 -4.60 -1.17
C GLU B 13 -11.53 -5.85 -1.87
N SER B 14 -12.08 -5.67 -3.07
CA SER B 14 -12.60 -6.79 -3.87
C SER B 14 -12.34 -6.63 -5.37
N GLN B 15 -12.27 -7.77 -6.05
CA GLN B 15 -12.07 -7.83 -7.50
C GLN B 15 -13.02 -8.88 -8.09
N GLU B 16 -14.26 -8.47 -8.39
CA GLU B 16 -15.26 -9.41 -8.89
C GLU B 16 -15.21 -9.59 -10.38
N GLY B 17 -15.08 -10.84 -10.80
CA GLY B 17 -14.89 -11.21 -12.20
C GLY B 17 -13.42 -11.37 -12.55
N TYR B 18 -12.57 -11.35 -11.53
CA TYR B 18 -11.10 -11.36 -11.68
C TYR B 18 -10.58 -12.49 -12.58
N GLU B 19 -11.00 -13.70 -12.26
CA GLU B 19 -10.52 -14.87 -12.95
C GLU B 19 -10.98 -14.93 -14.43
N PRO B 20 -12.30 -14.81 -14.71
CA PRO B 20 -12.71 -14.76 -16.13
C PRO B 20 -12.12 -13.58 -16.91
N PHE B 21 -11.99 -12.42 -16.27
CA PHE B 21 -11.42 -11.22 -16.92
C PHE B 21 -9.91 -11.39 -17.24
N CYS B 22 -9.14 -11.86 -16.27
CA CYS B 22 -7.72 -12.17 -16.52
C CYS B 22 -7.54 -13.25 -17.59
N LYS B 23 -8.37 -14.29 -17.56
CA LYS B 23 -8.36 -15.32 -18.60
C LYS B 23 -8.55 -14.70 -19.99
N LEU B 24 -9.56 -13.84 -20.14
CA LEU B 24 -9.91 -13.23 -21.42
C LEU B 24 -8.79 -12.40 -22.04
N ILE B 25 -8.09 -11.62 -21.22
CA ILE B 25 -7.06 -10.70 -21.72
C ILE B 25 -5.70 -11.37 -21.95
N GLY B 26 -5.56 -12.62 -21.53
CA GLY B 26 -4.35 -13.39 -21.83
C GLY B 26 -3.32 -13.47 -20.72
N ILE B 27 -3.72 -13.14 -19.50
CA ILE B 27 -2.88 -13.39 -18.33
C ILE B 27 -2.76 -14.91 -18.14
N PRO B 28 -1.52 -15.44 -18.04
CA PRO B 28 -1.29 -16.88 -17.83
C PRO B 28 -1.83 -17.39 -16.49
N ASP B 29 -2.30 -18.63 -16.47
CA ASP B 29 -2.97 -19.23 -15.32
C ASP B 29 -2.20 -19.08 -14.01
N ASP B 30 -0.89 -19.24 -14.06
CA ASP B 30 -0.06 -19.21 -12.85
C ASP B 30 0.17 -17.79 -12.32
N VAL B 31 0.21 -16.83 -13.23
CA VAL B 31 0.28 -15.41 -12.88
C VAL B 31 -1.08 -14.95 -12.30
N ILE B 32 -2.17 -15.52 -12.82
CA ILE B 32 -3.51 -15.31 -12.26
C ILE B 32 -3.57 -15.84 -10.83
N ALA B 33 -3.03 -17.04 -10.62
CA ALA B 33 -3.02 -17.68 -9.30
C ALA B 33 -2.18 -16.89 -8.29
N LYS B 34 -1.00 -16.46 -8.73
CA LYS B 34 -0.08 -15.68 -7.91
C LYS B 34 -0.66 -14.30 -7.53
N GLY B 35 -1.39 -13.69 -8.45
CA GLY B 35 -1.97 -12.37 -8.21
C GLY B 35 -3.31 -12.31 -7.51
N ARG B 36 -3.99 -13.44 -7.35
CA ARG B 36 -5.36 -13.44 -6.79
C ARG B 36 -5.52 -12.68 -5.46
N ASP B 37 -4.58 -12.87 -4.55
CA ASP B 37 -4.63 -12.26 -3.22
C ASP B 37 -3.89 -10.92 -3.15
N PHE B 38 -3.22 -10.55 -4.23
CA PHE B 38 -2.52 -9.27 -4.25
C PHE B 38 -3.47 -8.07 -4.40
N LYS B 39 -3.37 -7.15 -3.44
CA LYS B 39 -4.20 -5.95 -3.32
C LYS B 39 -3.49 -4.71 -3.92
N LEU B 40 -4.01 -4.19 -5.03
CA LEU B 40 -3.47 -2.96 -5.64
C LEU B 40 -3.84 -1.72 -4.83
N VAL B 41 -2.84 -0.95 -4.42
CA VAL B 41 -3.06 0.41 -3.96
C VAL B 41 -3.12 1.31 -5.20
N THR B 42 -4.11 2.19 -5.24
CA THR B 42 -4.22 3.21 -6.27
C THR B 42 -4.09 4.58 -5.63
N GLU B 43 -3.15 5.37 -6.12
CA GLU B 43 -2.98 6.73 -5.66
C GLU B 43 -3.32 7.72 -6.78
N ILE B 44 -4.16 8.69 -6.46
CA ILE B 44 -4.67 9.60 -7.47
C ILE B 44 -4.44 11.06 -7.08
N VAL B 45 -3.81 11.81 -7.98
CA VAL B 45 -3.75 13.28 -7.89
C VAL B 45 -4.74 13.85 -8.91
N GLN B 46 -5.82 14.42 -8.40
CA GLN B 46 -6.85 15.05 -9.20
C GLN B 46 -6.77 16.58 -9.05
N ASN B 47 -6.31 17.27 -10.10
CA ASN B 47 -6.30 18.74 -10.11
C ASN B 47 -7.23 19.21 -11.23
N GLY B 48 -8.53 19.23 -10.93
CA GLY B 48 -9.55 19.56 -11.92
C GLY B 48 -9.66 18.53 -13.03
N ASP B 49 -9.16 18.90 -14.21
CA ASP B 49 -9.14 18.02 -15.38
C ASP B 49 -7.85 17.20 -15.48
N ASP B 50 -6.84 17.60 -14.70
CA ASP B 50 -5.54 16.94 -14.65
C ASP B 50 -5.52 15.79 -13.66
N PHE B 51 -5.20 14.59 -14.16
CA PHE B 51 -5.10 13.40 -13.33
C PHE B 51 -3.74 12.72 -13.46
N THR B 52 -3.19 12.34 -12.31
CA THR B 52 -2.10 11.38 -12.22
C THR B 52 -2.66 10.14 -11.50
N TRP B 53 -2.50 8.98 -12.13
CA TRP B 53 -3.11 7.75 -11.66
C TRP B 53 -2.03 6.73 -11.48
N THR B 54 -1.73 6.39 -10.23
CA THR B 54 -0.62 5.48 -9.92
C THR B 54 -1.11 4.17 -9.34
N GLN B 55 -0.64 3.06 -9.91
CA GLN B 55 -0.95 1.72 -9.41
C GLN B 55 0.32 1.02 -8.97
N TYR B 56 0.32 0.55 -7.73
CA TYR B 56 1.49 -0.09 -7.15
C TYR B 56 1.41 -1.61 -7.34
N TYR B 57 2.11 -2.08 -8.36
CA TYR B 57 2.13 -3.50 -8.71
C TYR B 57 3.18 -4.24 -7.88
N PRO B 58 3.20 -5.60 -7.95
CA PRO B 58 4.18 -6.36 -7.19
C PRO B 58 5.61 -6.04 -7.60
N ASN B 59 6.55 -6.44 -6.75
CA ASN B 59 8.00 -6.25 -6.97
C ASN B 59 8.40 -4.80 -7.26
N ASN B 60 7.74 -3.86 -6.59
CA ASN B 60 8.08 -2.42 -6.62
C ASN B 60 7.91 -1.76 -8.00
N HIS B 61 6.98 -2.27 -8.80
CA HIS B 61 6.68 -1.68 -10.11
C HIS B 61 5.51 -0.71 -10.04
N VAL B 62 5.78 0.52 -10.43
CA VAL B 62 4.80 1.59 -10.38
C VAL B 62 4.28 1.73 -11.81
N VAL B 63 2.95 1.72 -11.95
CA VAL B 63 2.30 1.98 -13.23
C VAL B 63 1.58 3.32 -13.12
N THR B 64 2.07 4.31 -13.87
CA THR B 64 1.57 5.67 -13.79
C THR B 64 0.96 6.11 -15.10
N ASN B 65 -0.29 6.57 -15.03
CA ASN B 65 -0.99 7.10 -16.18
C ASN B 65 -1.38 8.54 -15.89
N LYS B 66 -0.87 9.44 -16.72
CA LYS B 66 -1.15 10.87 -16.63
C LYS B 66 -2.09 11.26 -17.77
N PHE B 67 -3.20 11.90 -17.44
CA PHE B 67 -4.15 12.33 -18.46
C PHE B 67 -4.85 13.64 -18.16
N ILE B 68 -5.43 14.21 -19.21
CA ILE B 68 -6.25 15.41 -19.14
C ILE B 68 -7.62 15.07 -19.76
N VAL B 69 -8.65 15.06 -18.90
CA VAL B 69 -10.04 14.86 -19.31
C VAL B 69 -10.34 15.69 -20.58
N GLY B 70 -10.79 15.02 -21.64
CA GLY B 70 -11.21 15.70 -22.86
C GLY B 70 -10.09 15.93 -23.86
N LYS B 71 -8.86 15.59 -23.47
CA LYS B 71 -7.69 15.79 -24.32
C LYS B 71 -6.97 14.46 -24.56
N GLU B 72 -6.46 14.28 -25.77
CA GLU B 72 -5.73 13.07 -26.11
C GLU B 72 -4.44 12.95 -25.29
N SER B 73 -4.34 11.87 -24.52
CA SER B 73 -3.25 11.66 -23.57
C SER B 73 -2.52 10.36 -23.88
N ASP B 74 -1.21 10.36 -23.65
CA ASP B 74 -0.46 9.11 -23.69
C ASP B 74 -0.82 8.28 -22.47
N MET B 75 -0.99 6.98 -22.69
CA MET B 75 -1.32 6.04 -21.62
C MET B 75 -0.47 4.79 -21.83
N GLU B 76 -0.30 3.99 -20.78
CA GLU B 76 0.50 2.77 -20.87
C GLU B 76 -0.05 1.66 -19.99
N THR B 77 0.10 0.41 -20.43
CA THR B 77 -0.24 -0.74 -19.60
C THR B 77 0.99 -1.18 -18.81
N VAL B 78 0.79 -2.04 -17.81
CA VAL B 78 1.91 -2.60 -17.05
C VAL B 78 2.86 -3.38 -17.97
N GLY B 79 2.29 -3.89 -19.08
CA GLY B 79 3.05 -4.67 -20.06
C GLY B 79 3.87 -3.87 -21.06
N GLY B 80 3.84 -2.54 -20.94
CA GLY B 80 4.62 -1.66 -21.81
C GLY B 80 3.88 -1.18 -23.06
N LYS B 81 2.64 -1.61 -23.22
CA LYS B 81 1.81 -1.19 -24.36
C LYS B 81 1.42 0.28 -24.23
N LYS B 82 1.95 1.12 -25.11
CA LYS B 82 1.69 2.56 -25.13
C LYS B 82 0.57 2.88 -26.12
N PHE B 83 -0.27 3.85 -25.75
CA PHE B 83 -1.39 4.27 -26.58
C PHE B 83 -1.89 5.64 -26.17
N LYS B 84 -2.84 6.18 -26.93
CA LYS B 84 -3.39 7.52 -26.70
C LYS B 84 -4.89 7.41 -26.45
N GLY B 85 -5.41 8.21 -25.54
CA GLY B 85 -6.83 8.16 -25.25
C GLY B 85 -7.45 9.43 -24.71
N ILE B 86 -8.77 9.54 -24.88
CA ILE B 86 -9.54 10.62 -24.29
C ILE B 86 -10.53 10.08 -23.27
N VAL B 87 -10.30 10.49 -22.03
CA VAL B 87 -11.14 10.15 -20.90
C VAL B 87 -12.19 11.23 -20.77
N SER B 88 -13.45 10.85 -20.65
CA SER B 88 -14.49 11.82 -20.37
C SER B 88 -14.89 11.76 -18.90
N MET B 89 -15.34 12.88 -18.38
CA MET B 89 -15.88 12.96 -17.03
C MET B 89 -17.34 13.35 -17.15
N GLU B 90 -18.23 12.45 -16.75
CA GLU B 90 -19.66 12.69 -16.87
C GLU B 90 -20.41 12.20 -15.64
N GLY B 91 -21.06 13.15 -14.95
CA GLY B 91 -21.82 12.86 -13.73
C GLY B 91 -20.96 12.23 -12.65
N GLY B 92 -19.76 12.77 -12.46
CA GLY B 92 -18.80 12.26 -11.49
C GLY B 92 -18.10 10.96 -11.87
N LYS B 93 -18.42 10.44 -13.06
CA LYS B 93 -17.85 9.18 -13.51
C LYS B 93 -16.78 9.39 -14.59
N LEU B 94 -15.69 8.65 -14.46
CA LEU B 94 -14.54 8.77 -15.34
C LEU B 94 -14.59 7.59 -16.32
N THR B 95 -14.78 7.88 -17.60
CA THR B 95 -15.00 6.80 -18.57
C THR B 95 -14.14 6.91 -19.83
N ILE B 96 -13.71 5.77 -20.33
CA ILE B 96 -13.05 5.67 -21.64
C ILE B 96 -13.63 4.47 -22.37
N SER B 97 -13.99 4.65 -23.64
CA SER B 97 -14.60 3.58 -24.43
C SER B 97 -13.85 3.36 -25.73
N PHE B 98 -13.42 2.13 -25.94
CA PHE B 98 -12.84 1.69 -27.20
C PHE B 98 -13.79 0.66 -27.79
N PRO B 99 -13.63 0.29 -29.09
CA PRO B 99 -14.54 -0.71 -29.67
C PRO B 99 -14.65 -2.05 -28.90
N LYS B 100 -13.55 -2.55 -28.35
CA LYS B 100 -13.57 -3.84 -27.62
C LYS B 100 -13.23 -3.71 -26.12
N TYR B 101 -13.27 -2.49 -25.59
CA TYR B 101 -12.85 -2.26 -24.20
C TYR B 101 -13.39 -0.96 -23.65
N GLN B 102 -13.89 -1.00 -22.41
CA GLN B 102 -14.21 0.22 -21.65
C GLN B 102 -13.80 0.10 -20.19
N GLN B 103 -13.39 1.22 -19.61
CA GLN B 103 -13.35 1.33 -18.15
C GLN B 103 -14.20 2.50 -17.68
N THR B 104 -14.93 2.26 -16.58
CA THR B 104 -15.64 3.32 -15.89
C THR B 104 -15.21 3.31 -14.42
N THR B 105 -14.85 4.47 -13.92
CA THR B 105 -14.44 4.63 -12.53
C THR B 105 -15.30 5.70 -11.88
N GLU B 106 -15.86 5.39 -10.72
CA GLU B 106 -16.68 6.30 -9.97
C GLU B 106 -16.41 6.13 -8.49
N ILE B 107 -16.96 7.04 -7.68
CA ILE B 107 -17.05 6.86 -6.25
C ILE B 107 -18.47 6.39 -5.93
N SER B 108 -18.59 5.22 -5.30
CA SER B 108 -19.91 4.67 -4.94
C SER B 108 -19.91 4.22 -3.47
N GLY B 109 -20.82 4.81 -2.69
CA GLY B 109 -20.84 4.58 -1.24
C GLY B 109 -19.51 4.89 -0.57
N GLY B 110 -18.82 5.90 -1.07
CA GLY B 110 -17.55 6.35 -0.50
C GLY B 110 -16.32 5.62 -1.00
N LYS B 111 -16.52 4.69 -1.93
CA LYS B 111 -15.48 3.77 -2.40
C LYS B 111 -15.12 3.99 -3.86
N LEU B 112 -13.88 3.69 -4.23
CA LEU B 112 -13.44 3.74 -5.62
C LEU B 112 -13.84 2.46 -6.34
N VAL B 113 -14.81 2.58 -7.25
CA VAL B 113 -15.30 1.46 -8.03
C VAL B 113 -14.86 1.56 -9.49
N GLU B 114 -14.15 0.54 -9.95
CA GLU B 114 -13.58 0.49 -11.27
C GLU B 114 -14.19 -0.69 -12.03
N THR B 115 -15.01 -0.39 -13.03
CA THR B 115 -15.67 -1.41 -13.84
C THR B 115 -15.08 -1.45 -15.26
N SER B 116 -14.50 -2.59 -15.60
CA SER B 116 -13.92 -2.84 -16.93
C SER B 116 -14.72 -3.86 -17.73
N THR B 117 -14.82 -3.61 -19.03
CA THR B 117 -15.46 -4.55 -19.95
C THR B 117 -14.50 -4.81 -21.10
N ALA B 118 -14.21 -6.09 -21.33
CA ALA B 118 -13.35 -6.48 -22.44
C ALA B 118 -14.09 -7.46 -23.36
N SER B 119 -13.80 -7.35 -24.65
CA SER B 119 -14.44 -8.14 -25.70
C SER B 119 -13.33 -8.85 -26.47
N GLY B 120 -13.32 -10.18 -26.40
CA GLY B 120 -12.30 -10.99 -27.07
C GLY B 120 -12.88 -11.85 -28.18
N ALA B 121 -12.03 -12.66 -28.80
CA ALA B 121 -12.44 -13.53 -29.90
C ALA B 121 -13.58 -14.47 -29.51
N GLN B 122 -13.53 -14.98 -28.28
CA GLN B 122 -14.54 -15.97 -27.86
C GLN B 122 -15.53 -15.53 -26.77
N GLY B 123 -15.45 -14.28 -26.31
CA GLY B 123 -16.39 -13.80 -25.31
C GLY B 123 -16.12 -12.45 -24.71
N THR B 124 -16.99 -12.04 -23.79
CA THR B 124 -16.88 -10.78 -23.08
C THR B 124 -16.63 -11.10 -21.61
N ALA B 125 -16.00 -10.16 -20.90
CA ALA B 125 -15.86 -10.26 -19.46
C ALA B 125 -15.97 -8.90 -18.79
N VAL B 126 -16.56 -8.91 -17.60
CA VAL B 126 -16.66 -7.72 -16.79
C VAL B 126 -15.84 -7.90 -15.52
N LEU B 127 -15.08 -6.88 -15.15
CA LEU B 127 -14.41 -6.83 -13.86
C LEU B 127 -14.91 -5.61 -13.08
N VAL B 128 -15.27 -5.81 -11.83
CA VAL B 128 -15.65 -4.72 -10.94
C VAL B 128 -14.71 -4.74 -9.73
N ARG B 129 -13.80 -3.77 -9.68
CA ARG B 129 -12.88 -3.60 -8.55
C ARG B 129 -13.44 -2.55 -7.59
N THR B 130 -13.36 -2.83 -6.29
CA THR B 130 -13.83 -1.90 -5.27
C THR B 130 -12.70 -1.64 -4.31
N SER B 131 -12.42 -0.37 -4.03
CA SER B 131 -11.29 0.02 -3.18
C SER B 131 -11.75 1.00 -2.10
N LYS B 132 -11.11 0.92 -0.93
CA LYS B 132 -11.47 1.74 0.21
C LYS B 132 -10.38 2.80 0.40
N LYS B 133 -10.80 4.03 0.69
CA LYS B 133 -9.88 5.15 0.93
C LYS B 133 -8.97 4.89 2.13
N VAL B 134 -7.68 5.22 1.96
CA VAL B 134 -6.69 5.09 3.02
C VAL B 134 -6.52 6.44 3.74
N LEU B 135 -6.95 6.50 5.00
CA LEU B 135 -6.88 7.74 5.77
C LEU B 135 -5.83 7.67 6.89
N VAL B 136 -5.19 8.82 7.18
CA VAL B 136 -4.32 8.95 8.35
C VAL B 136 -5.12 8.74 9.65
N PRO B 137 -4.47 8.24 10.72
CA PRO B 137 -5.16 8.06 11.99
C PRO B 137 -5.86 9.30 12.55
N ARG B 138 -7.07 9.11 13.05
CA ARG B 138 -7.91 10.13 13.72
C ARG B 138 -8.13 11.40 12.88
C1 CHD C . 4.51 -3.45 8.95
C2 CHD C . 5.69 -2.51 8.61
C3 CHD C . 6.95 -3.31 8.25
O3 CHD C . 8.05 -2.43 8.12
C4 CHD C . 7.32 -4.27 9.37
C5 CHD C . 6.17 -5.23 9.69
C6 CHD C . 6.67 -6.21 10.79
C7 CHD C . 6.81 -5.52 12.17
O7 CHD C . 7.86 -4.53 12.14
C8 CHD C . 5.47 -4.88 12.58
C9 CHD C . 4.90 -3.89 11.48
C10 CHD C . 4.83 -4.51 10.05
C11 CHD C . 3.55 -3.24 11.92
C12 CHD C . 3.57 -2.70 13.36
O12 CHD C . 4.34 -1.50 13.39
C13 CHD C . 4.11 -3.73 14.40
C14 CHD C . 5.51 -4.19 13.97
C15 CHD C . 5.92 -5.07 15.17
C16 CHD C . 5.50 -4.21 16.37
C17 CHD C . 4.55 -3.12 15.78
C18 CHD C . 3.13 -4.92 14.59
C19 CHD C . 3.73 -5.56 9.98
C20 CHD C . 3.42 -2.72 16.79
C21 CHD C . 2.26 -1.95 16.16
C22 CHD C . 4.00 -1.91 17.95
C23 CHD C . 3.06 -1.89 19.18
O25 CHD C . 3.77 -4.04 19.96
C24 CHD C . 2.80 -3.29 19.76
O26 CHD C . 1.60 -3.57 19.99
C1 CHD D . 6.04 2.07 21.74
C2 CHD D . 6.99 2.42 20.58
C3 CHD D . 6.71 1.54 19.36
O3 CHD D . 7.59 1.89 18.30
C4 CHD D . 6.93 0.07 19.73
C5 CHD D . 6.03 -0.35 20.92
C6 CHD D . 6.31 -1.84 21.25
C7 CHD D . 7.60 -2.06 22.07
O7 CHD D . 8.74 -1.82 21.24
C8 CHD D . 7.65 -1.18 23.34
C9 CHD D . 7.42 0.33 22.98
C10 CHD D . 6.11 0.59 22.17
C11 CHD D . 7.55 1.26 24.23
C12 CHD D . 8.84 0.98 25.03
O12 CHD D . 9.97 1.40 24.26
C13 CHD D . 8.96 -0.51 25.42
C14 CHD D . 8.99 -1.31 24.11
C15 CHD D . 9.41 -2.72 24.57
C16 CHD D . 10.52 -2.41 25.59
C17 CHD D . 10.37 -0.91 25.97
C18 CHD D . 7.82 -0.94 26.37
C19 CHD D . 4.87 0.29 23.01
C20 CHD D . 10.61 -0.67 27.48
C21 CHD D . 10.45 0.81 27.88
C22 CHD D . 11.99 -1.18 27.95
C23 CHD D . 11.89 -2.08 29.20
O25 CHD D . 12.21 -0.16 30.60
C24 CHD D . 11.70 -1.30 30.52
O26 CHD D . 11.03 -1.88 31.41
C1 CHD E . 8.24 -5.20 27.59
C2 CHD E . 8.38 -4.96 29.10
C3 CHD E . 9.80 -5.26 29.60
O3 CHD E . 9.83 -5.17 31.03
C4 CHD E . 10.24 -6.68 29.21
C5 CHD E . 10.08 -6.94 27.69
C6 CHD E . 10.54 -8.38 27.38
C7 CHD E . 9.51 -9.47 27.77
O7 CHD E . 9.58 -9.72 29.18
C8 CHD E . 8.06 -9.15 27.31
C9 CHD E . 7.63 -7.67 27.55
C10 CHD E . 8.67 -6.60 27.11
C11 CHD E . 6.18 -7.40 27.03
C12 CHD E . 5.15 -8.39 27.63
O12 CHD E . 4.96 -8.10 29.02
C13 CHD E . 5.58 -9.86 27.39
C14 CHD E . 7.01 -10.06 27.97
C15 CHD E . 7.20 -11.58 27.87
C16 CHD E . 5.91 -12.04 28.55
C17 CHD E . 4.84 -10.94 28.27
C18 CHD E . 5.44 -10.20 25.89
C19 CHD E . 8.78 -6.57 25.57
C20 CHD E . 3.57 -11.54 27.63
C21 CHD E . 2.33 -10.66 27.82
C22 CHD E . 3.31 -12.97 28.15
C23 CHD E . 3.07 -13.96 27.01
O25 CHD E . 0.77 -13.98 27.65
C24 CHD E . 1.57 -14.08 26.69
O26 CHD E . 1.27 -14.27 25.49
C1 CHD F . -1.71 1.93 19.09
C2 CHD F . -2.84 2.24 20.09
C3 CHD F . -2.39 1.93 21.53
O3 CHD F . -3.45 2.23 22.44
C4 CHD F . -2.04 0.45 21.64
C5 CHD F . -0.92 0.04 20.63
C6 CHD F . -0.59 -1.46 20.82
C7 CHD F . -1.51 -2.43 20.01
O7 CHD F . -2.74 -2.63 20.72
C8 CHD F . -1.76 -2.00 18.54
C9 CHD F . -2.18 -0.50 18.45
C10 CHD F . -1.19 0.48 19.15
C11 CHD F . -2.52 -0.09 16.98
C12 CHD F . -3.59 -0.99 16.33
O12 CHD F . -4.83 -0.74 16.97
C13 CHD F . -3.17 -2.50 16.37
C14 CHD F . -2.84 -2.88 17.83
C15 CHD F . -2.57 -4.40 17.75
C16 CHD F . -3.61 -4.88 16.70
C17 CHD F . -4.32 -3.57 16.24
C18 CHD F . -2.03 -2.76 15.37
C19 CHD F . 0.17 0.46 18.41
C20 CHD F . -5.06 -3.74 14.89
C21 CHD F . -6.00 -2.58 14.57
C22 CHD F . -5.87 -5.07 14.87
C23 CHD F . -6.13 -5.58 13.44
O25 CHD F . -8.03 -6.81 14.18
C24 CHD F . -7.03 -6.82 13.44
O26 CHD F . -6.70 -7.77 12.67
C1 CHD G . -9.16 6.01 -18.18
C2 CHD G . -10.46 5.45 -17.59
C3 CHD G . -10.69 5.88 -16.15
O3 CHD G . -11.89 5.23 -15.68
C4 CHD G . -9.48 5.53 -15.26
C5 CHD G . -8.12 6.00 -15.87
C6 CHD G . -6.94 5.54 -14.96
C7 CHD G . -6.41 4.09 -15.18
O7 CHD G . -7.20 3.16 -14.43
C8 CHD G . -6.32 3.67 -16.67
C9 CHD G . -7.55 4.12 -17.52
C10 CHD G . -7.90 5.64 -17.38
C11 CHD G . -7.45 3.65 -19.00
C12 CHD G . -7.13 2.14 -19.13
O12 CHD G . -8.26 1.39 -18.70
C13 CHD G . -5.87 1.74 -18.30
C14 CHD G . -6.12 2.14 -16.84
C15 CHD G . -4.95 1.48 -16.08
C16 CHD G . -4.79 0.14 -16.82
C17 CHD G . -5.74 0.22 -18.04
C18 CHD G . -4.56 2.37 -18.87
C19 CHD G . -6.78 6.53 -17.93
C20 CHD G . -5.31 -0.72 -19.21
C21 CHD G . -5.46 -0.13 -20.61
C22 CHD G . -6.16 -2.00 -19.21
C23 CHD G . -5.77 -2.97 -18.12
O25 CHD G . -7.35 -4.71 -18.10
C24 CHD G . -6.20 -4.38 -18.45
O26 CHD G . -5.37 -5.09 -19.05
C1 CHD H . -6.66 -5.12 -12.18
C2 CHD H . -6.10 -3.72 -12.45
C3 CHD H . -6.27 -3.31 -13.92
O3 CHD H . -5.69 -2.02 -14.14
C4 CHD H . -5.57 -4.34 -14.81
C5 CHD H . -6.13 -5.76 -14.58
C6 CHD H . -5.44 -6.74 -15.56
C7 CHD H . -4.00 -7.13 -15.14
O7 CHD H . -3.09 -6.04 -15.30
C8 CHD H . -3.96 -7.66 -13.69
C9 CHD H . -4.65 -6.67 -12.67
C10 CHD H . -6.10 -6.25 -13.08
C11 CHD H . -4.56 -7.20 -11.21
C12 CHD H . -3.15 -7.70 -10.80
O12 CHD H . -2.31 -6.57 -10.50
C13 CHD H . -2.51 -8.66 -11.86
C14 CHD H . -2.53 -7.97 -13.24
C15 CHD H . -1.71 -8.93 -14.12
C16 CHD H . -0.54 -9.30 -13.18
C17 CHD H . -0.97 -8.84 -11.75
C18 CHD H . -3.23 -10.04 -11.87
C19 CHD H . -7.06 -7.45 -12.96
C20 CHD H . -0.49 -9.81 -10.65
C21 CHD H . -0.78 -9.27 -9.23
C22 CHD H . 1.01 -10.12 -10.75
C23 CHD H . 1.35 -11.41 -10.01
O25 CHD H . 3.17 -12.58 -10.95
C24 CHD H . 2.83 -11.73 -10.10
O26 CHD H . 3.59 -11.11 -9.34
C1 CHD I . 5.28 -9.05 -11.56
C2 CHD I . 6.62 -9.79 -11.66
C3 CHD I . 7.79 -8.80 -11.58
O3 CHD I . 9.02 -9.52 -11.69
C4 CHD I . 7.70 -7.80 -12.72
C5 CHD I . 6.34 -7.04 -12.70
C6 CHD I . 6.31 -6.00 -13.86
C7 CHD I . 5.93 -6.61 -15.24
O7 CHD I . 7.06 -7.31 -15.81
C8 CHD I . 4.68 -7.52 -15.17
C9 CHD I . 4.78 -8.58 -14.03
C10 CHD I . 5.07 -7.96 -12.64
C11 CHD I . 3.58 -9.58 -14.02
C12 CHD I . 3.24 -10.14 -15.41
O12 CHD I . 4.23 -11.11 -15.81
C13 CHD I . 3.07 -9.02 -16.47
C14 CHD I . 4.38 -8.22 -16.51
C15 CHD I . 4.19 -7.31 -17.73
C16 CHD I . 3.56 -8.29 -18.75
C17 CHD I . 3.06 -9.52 -17.95
C18 CHD I . 1.82 -8.14 -16.17
C19 CHD I . 3.90 -7.09 -12.15
C20 CHD I . 1.69 -10.04 -18.47
C21 CHD I . 1.24 -11.34 -17.81
C22 CHD I . 1.68 -10.21 -20.00
C23 CHD I . 0.61 -9.33 -20.65
O25 CHD I . -0.15 -11.26 -21.85
C24 CHD I . -0.49 -10.17 -21.32
O26 CHD I . -1.65 -9.69 -21.30
C1 CHD J . -4.88 -0.89 -24.97
C2 CHD J . -4.28 -0.71 -26.38
C3 CHD J . -5.10 0.29 -27.20
O3 CHD J . -4.51 0.46 -28.49
C4 CHD J . -6.50 -0.26 -27.36
C5 CHD J . -7.18 -0.44 -25.98
C6 CHD J . -8.63 -0.93 -26.21
C7 CHD J . -8.71 -2.43 -26.51
O7 CHD J . -8.15 -2.72 -27.80
C8 CHD J . -8.04 -3.26 -25.41
C9 CHD J . -6.57 -2.82 -25.16
C10 CHD J . -6.38 -1.28 -24.94
C11 CHD J . -5.93 -3.69 -24.05
C12 CHD J . -5.99 -5.19 -24.43
O12 CHD J . -5.17 -5.41 -25.59
C13 CHD J . -7.44 -5.69 -24.68
C14 CHD J . -8.07 -4.78 -25.76
C15 CHD J . -9.46 -5.44 -26.01
C16 CHD J . -9.09 -6.94 -26.02
C17 CHD J . -7.59 -6.99 -25.54
C18 CHD J . -8.22 -5.75 -23.34
C19 CHD J . -6.91 -0.85 -23.57
C20 CHD J . -7.17 -8.39 -24.95
C21 CHD J . -5.79 -8.37 -24.30
C22 CHD J . -7.16 -9.49 -26.04
C23 CHD J . -8.37 -10.42 -26.01
O25 CHD J . -8.72 -10.68 -28.37
C24 CHD J . -8.49 -11.27 -27.29
O26 CHD J . -8.35 -12.50 -27.16
C1 CHD K . -20.62 -0.63 -9.72
C2 CHD K . -21.02 0.63 -8.95
C3 CHD K . -22.26 0.40 -8.08
O3 CHD K . -22.66 1.64 -7.50
C4 CHD K . -23.43 -0.15 -8.91
C5 CHD K . -23.04 -1.42 -9.72
C6 CHD K . -24.26 -1.94 -10.52
C7 CHD K . -24.52 -1.15 -11.84
O7 CHD K . -25.21 0.06 -11.52
C8 CHD K . -23.25 -0.85 -12.69
C9 CHD K . -22.08 -0.30 -11.81
C10 CHD K . -21.75 -1.22 -10.60
C11 CHD K . -20.82 0.10 -12.64
C12 CHD K . -21.18 1.04 -13.81
O12 CHD K . -21.60 2.30 -13.24
C13 CHD K . -22.24 0.38 -14.74
C14 CHD K . -23.50 0.12 -13.88
C15 CHD K . -24.51 -0.33 -14.93
C16 CHD K . -24.29 0.72 -16.04
C17 CHD K . -22.86 1.31 -15.84
C18 CHD K . -21.66 -0.91 -15.38
C19 CHD K . -21.25 -2.61 -11.06
C20 CHD K . -22.11 1.43 -17.21
C21 CHD K . -20.65 1.89 -17.07
C22 CHD K . -22.81 2.36 -18.21
C23 CHD K . -23.44 1.61 -19.40
O25 CHD K . -22.28 1.91 -21.45
C24 CHD K . -22.42 1.17 -20.46
O26 CHD K . -21.78 0.10 -20.26
#